data_7ZXZ
#
_entry.id   7ZXZ
#
_cell.length_a   81.324
_cell.length_b   80.790
_cell.length_c   46.657
_cell.angle_alpha   90.000
_cell.angle_beta   104.317
_cell.angle_gamma   90.000
#
_symmetry.space_group_name_H-M   'C 1 2 1'
#
loop_
_entity.id
_entity.type
_entity.pdbx_description
1 polymer Streptavidin
2 non-polymer DI(HYDROXYETHYL)ETHER
3 non-polymer 5-[(3~{a}~{S},4~{S},6~{a}~{R})-2-oxidanylidene-1,3,3~{a},4,6,6~{a}-hexahydrothieno[3,4-d]imidazol-4-yl]-~{N}-[(1~{R},3~{S})-3-[3,5-bis(sulfanylmethyl)phenyl]-2,4-bis(oxidanylidene)cyclopentyl]pentanamide
4 water water
#
_entity_poly.entity_id   1
_entity_poly.type   'polypeptide(L)'
_entity_poly.pdbx_seq_one_letter_code
;ASMTGGQQMGRDQAGITGTWYNQLGSTFIVTAGADGALTGTYESAVGNAESRYVLTGRYDSAPATDGSGTALGWTVAWKN
NYRNAHSATTWSGQYVGGAEARINTQWLLTAGTTEANAWASTLVGHDTFTKVKPSAASIDAAKKAGVNNGNPLDAVQQ
;
_entity_poly.pdbx_strand_id   A,B
#
# COMPACT_ATOMS: atom_id res chain seq x y z
N GLY A 10 11.76 3.97 29.01
CA GLY A 10 11.86 3.97 27.53
C GLY A 10 12.71 5.15 27.04
N ARG A 11 13.65 4.86 26.13
CA ARG A 11 14.60 5.86 25.65
C ARG A 11 13.87 7.13 25.17
N ASP A 12 12.88 6.96 24.29
CA ASP A 12 12.16 8.09 23.72
C ASP A 12 10.77 8.17 24.31
N GLN A 13 10.56 7.61 25.49
CA GLN A 13 9.28 7.74 26.13
C GLN A 13 8.87 9.22 26.21
N ALA A 14 9.77 10.12 26.62
CA ALA A 14 9.40 11.52 26.75
C ALA A 14 9.19 12.22 25.39
N GLY A 15 9.94 11.79 24.38
CA GLY A 15 9.93 12.43 23.07
C GLY A 15 8.61 12.15 22.35
N ILE A 16 8.15 10.90 22.54
CA ILE A 16 6.96 10.45 21.84
C ILE A 16 5.69 10.94 22.53
N THR A 17 5.69 10.88 23.87
CA THR A 17 4.47 11.19 24.60
C THR A 17 4.01 12.62 24.31
N GLY A 18 2.70 12.81 24.07
CA GLY A 18 2.18 14.11 23.80
C GLY A 18 1.29 14.17 22.59
N THR A 19 1.11 15.41 22.10
CA THR A 19 0.16 15.74 21.07
C THR A 19 0.94 15.95 19.78
N TRP A 20 0.44 15.34 18.69
CA TRP A 20 0.99 15.42 17.36
C TRP A 20 -0.08 15.78 16.35
N TYR A 21 0.34 16.44 15.26
CA TYR A 21 -0.59 16.89 14.25
C TYR A 21 -0.04 16.49 12.89
N ASN A 22 -0.88 16.05 11.96
CA ASN A 22 -0.39 15.72 10.64
C ASN A 22 -0.84 16.76 9.63
N GLN A 23 -0.46 16.51 8.37
CA GLN A 23 -0.58 17.47 7.29
C GLN A 23 -2.03 17.70 6.90
N LEU A 24 -2.94 16.82 7.37
CA LEU A 24 -4.37 16.95 7.13
C LEU A 24 -5.04 17.76 8.24
N GLY A 25 -4.33 18.05 9.32
CA GLY A 25 -4.87 18.71 10.50
C GLY A 25 -5.50 17.75 11.51
N SER A 26 -5.24 16.45 11.36
CA SER A 26 -5.60 15.48 12.38
C SER A 26 -4.71 15.63 13.60
N THR A 27 -5.20 15.14 14.75
CA THR A 27 -4.59 15.30 16.05
C THR A 27 -4.49 13.92 16.69
N PHE A 28 -3.29 13.55 17.13
CA PHE A 28 -2.92 12.29 17.75
C PHE A 28 -2.38 12.61 19.16
N ILE A 29 -2.94 12.08 20.24
CA ILE A 29 -2.45 12.30 21.59
C ILE A 29 -2.06 10.94 22.12
N VAL A 30 -0.80 10.75 22.51
CA VAL A 30 -0.30 9.44 22.88
C VAL A 30 0.53 9.49 24.14
N THR A 31 0.40 8.42 24.95
CA THR A 31 1.30 8.15 26.04
C THR A 31 2.15 6.94 25.67
N ALA A 32 3.48 7.11 25.72
CA ALA A 32 4.39 5.99 25.58
C ALA A 32 4.76 5.42 26.96
N GLY A 33 4.60 4.11 27.14
CA GLY A 33 4.96 3.43 28.38
C GLY A 33 6.38 2.90 28.36
N ALA A 34 6.99 2.63 29.54
CA ALA A 34 8.37 2.18 29.60
C ALA A 34 8.59 0.83 28.93
N ASP A 35 7.49 0.06 28.87
CA ASP A 35 7.40 -1.30 28.35
C ASP A 35 7.18 -1.37 26.83
N GLY A 36 7.08 -0.24 26.12
CA GLY A 36 6.81 -0.30 24.69
C GLY A 36 5.38 0.05 24.29
N ALA A 37 4.50 0.22 25.25
CA ALA A 37 3.10 0.48 24.92
C ALA A 37 2.88 1.91 24.42
N LEU A 38 1.93 2.08 23.48
CA LEU A 38 1.36 3.33 23.04
C LEU A 38 -0.15 3.27 23.31
N THR A 39 -0.68 4.28 24.00
CA THR A 39 -2.10 4.40 24.25
C THR A 39 -2.49 5.87 24.08
N GLY A 40 -3.69 6.09 23.55
CA GLY A 40 -4.18 7.44 23.43
C GLY A 40 -5.46 7.55 22.62
N THR A 41 -5.56 8.68 21.93
CA THR A 41 -6.72 9.02 21.14
C THR A 41 -6.30 9.66 19.83
N TYR A 42 -7.14 9.42 18.80
CA TYR A 42 -6.93 10.01 17.49
C TYR A 42 -8.17 10.76 17.08
N GLU A 43 -7.96 11.92 16.44
CA GLU A 43 -9.09 12.69 15.90
C GLU A 43 -8.73 13.05 14.47
N SER A 44 -9.45 12.44 13.50
CA SER A 44 -9.21 12.73 12.09
C SER A 44 -9.89 14.02 11.68
N ALA A 45 -9.23 14.80 10.87
CA ALA A 45 -9.85 15.97 10.24
C ALA A 45 -10.55 15.65 8.93
N VAL A 46 -10.46 14.39 8.48
CA VAL A 46 -11.04 13.99 7.22
C VAL A 46 -11.75 12.65 7.37
N GLY A 47 -12.63 12.38 6.40
CA GLY A 47 -13.28 11.08 6.33
C GLY A 47 -14.47 10.93 7.27
N ASN A 48 -14.93 9.68 7.40
CA ASN A 48 -16.15 9.35 8.13
C ASN A 48 -15.79 9.18 9.59
N ALA A 49 -15.55 10.32 10.22
CA ALA A 49 -14.99 10.36 11.55
C ALA A 49 -15.35 11.67 12.24
N GLU A 50 -15.63 11.59 13.54
CA GLU A 50 -15.73 12.79 14.34
C GLU A 50 -15.39 12.51 15.79
N SER A 51 -14.81 13.53 16.43
CA SER A 51 -14.33 13.43 17.81
C SER A 51 -13.19 12.41 17.88
N ARG A 52 -12.97 11.89 19.10
CA ARG A 52 -11.82 11.07 19.36
C ARG A 52 -12.16 9.59 19.28
N TYR A 53 -11.11 8.82 18.88
CA TYR A 53 -11.15 7.36 18.82
C TYR A 53 -9.98 6.79 19.61
N VAL A 54 -10.23 5.65 20.23
CA VAL A 54 -9.17 4.96 20.93
C VAL A 54 -8.09 4.55 19.95
N LEU A 55 -6.84 4.72 20.42
CA LEU A 55 -5.71 4.11 19.73
C LEU A 55 -4.83 3.32 20.67
N THR A 56 -4.27 2.24 20.12
CA THR A 56 -3.27 1.48 20.86
C THR A 56 -2.18 1.14 19.88
N GLY A 57 -0.94 0.97 20.39
CA GLY A 57 0.14 0.53 19.56
C GLY A 57 1.35 0.16 20.37
N ARG A 58 2.46 0.12 19.66
CA ARG A 58 3.74 -0.34 20.23
C ARG A 58 4.88 0.51 19.67
N TYR A 59 6.01 0.66 20.44
CA TYR A 59 7.20 1.30 19.96
C TYR A 59 8.40 0.51 20.50
N ASP A 60 9.54 0.71 19.85
CA ASP A 60 10.86 0.22 20.29
C ASP A 60 11.32 1.08 21.47
N SER A 61 11.29 0.48 22.67
CA SER A 61 11.64 1.17 23.92
C SER A 61 13.15 1.17 24.18
N ALA A 62 13.92 0.50 23.32
CA ALA A 62 15.38 0.50 23.48
C ALA A 62 16.00 0.61 22.10
N PRO A 63 15.87 1.76 21.39
CA PRO A 63 16.35 1.87 20.01
C PRO A 63 17.87 1.92 19.92
N ALA A 64 18.33 1.83 18.68
CA ALA A 64 19.75 1.96 18.42
C ALA A 64 20.18 3.38 18.79
N THR A 65 21.46 3.56 19.07
CA THR A 65 22.01 4.89 19.30
C THR A 65 23.05 5.20 18.22
N ASP A 66 22.65 5.08 16.97
CA ASP A 66 23.54 5.33 15.86
C ASP A 66 23.01 6.45 14.96
N GLY A 67 21.97 7.16 15.42
CA GLY A 67 21.35 8.19 14.61
C GLY A 67 20.04 7.71 13.95
N SER A 68 19.75 6.41 14.07
CA SER A 68 18.51 5.90 13.49
C SER A 68 17.30 6.29 14.31
N GLY A 69 16.15 6.33 13.59
CA GLY A 69 14.89 6.62 14.22
C GLY A 69 14.35 5.43 15.02
N THR A 70 13.22 5.68 15.69
CA THR A 70 12.62 4.75 16.63
C THR A 70 11.36 4.18 15.99
N ALA A 71 11.33 2.87 15.73
CA ALA A 71 10.21 2.25 15.03
C ALA A 71 9.00 2.20 15.96
N LEU A 72 7.80 2.40 15.34
CA LEU A 72 6.54 2.33 16.07
C LEU A 72 5.38 2.08 15.12
N GLY A 73 4.24 1.74 15.72
CA GLY A 73 3.01 1.68 14.96
C GLY A 73 1.82 1.74 15.89
N TRP A 74 0.63 2.03 15.34
CA TRP A 74 -0.57 2.02 16.12
C TRP A 74 -1.76 1.80 15.21
N THR A 75 -2.87 1.45 15.86
CA THR A 75 -4.15 1.20 15.21
C THR A 75 -5.26 2.07 15.78
N VAL A 76 -6.21 2.48 14.92
CA VAL A 76 -7.49 3.07 15.27
C VAL A 76 -8.55 2.28 14.54
N ALA A 77 -9.50 1.69 15.28
CA ALA A 77 -10.76 1.26 14.69
C ALA A 77 -11.78 2.40 14.78
N TRP A 78 -12.42 2.71 13.64
CA TRP A 78 -13.21 3.93 13.46
C TRP A 78 -14.64 3.82 14.01
N LYS A 79 -14.73 3.34 15.26
CA LYS A 79 -15.96 3.26 16.03
C LYS A 79 -15.70 4.01 17.34
N ASN A 80 -16.58 4.94 17.70
CA ASN A 80 -16.56 5.57 19.00
C ASN A 80 -18.03 5.67 19.44
N ASN A 81 -18.31 6.54 20.40
CA ASN A 81 -19.71 6.62 20.86
C ASN A 81 -20.60 7.39 19.92
N TYR A 82 -20.02 8.06 18.91
CA TYR A 82 -20.77 8.87 17.96
C TYR A 82 -21.04 8.20 16.62
N ARG A 83 -20.04 7.49 16.08
CA ARG A 83 -20.06 7.01 14.72
C ARG A 83 -19.33 5.68 14.57
N ASN A 84 -19.66 4.94 13.52
CA ASN A 84 -18.94 3.70 13.19
C ASN A 84 -18.77 3.66 11.68
N ALA A 85 -17.52 3.76 11.21
CA ALA A 85 -17.18 3.73 9.81
C ALA A 85 -16.73 2.35 9.33
N HIS A 86 -16.95 1.31 10.14
CA HIS A 86 -16.66 -0.07 9.75
C HIS A 86 -15.30 -0.22 9.06
N SER A 87 -14.26 0.29 9.73
CA SER A 87 -12.95 0.38 9.10
C SER A 87 -11.93 0.59 10.20
N ALA A 88 -10.65 0.31 9.87
CA ALA A 88 -9.55 0.47 10.81
C ALA A 88 -8.31 0.92 10.02
N THR A 89 -7.57 1.88 10.64
CA THR A 89 -6.31 2.30 10.06
C THR A 89 -5.17 1.84 10.95
N THR A 90 -4.07 1.41 10.34
CA THR A 90 -2.81 1.19 11.02
C THR A 90 -1.72 2.10 10.44
N TRP A 91 -0.97 2.79 11.34
CA TRP A 91 0.18 3.59 10.96
C TRP A 91 1.45 2.87 11.38
N SER A 92 2.37 2.80 10.44
CA SER A 92 3.68 2.17 10.67
C SER A 92 4.72 3.23 10.34
N GLY A 93 5.74 3.40 11.22
CA GLY A 93 6.65 4.51 10.96
C GLY A 93 7.84 4.55 11.91
N GLN A 94 8.42 5.73 11.93
CA GLN A 94 9.47 5.95 12.91
C GLN A 94 9.43 7.38 13.44
N TYR A 95 9.81 7.48 14.73
CA TYR A 95 10.00 8.74 15.42
C TYR A 95 11.43 9.18 15.22
N VAL A 96 11.58 10.47 14.84
CA VAL A 96 12.88 11.11 14.66
C VAL A 96 12.94 12.32 15.60
N GLY A 97 13.98 12.34 16.44
CA GLY A 97 14.11 13.37 17.48
C GLY A 97 14.87 14.59 16.96
N GLY A 98 15.20 15.50 17.87
CA GLY A 98 16.09 16.61 17.56
C GLY A 98 15.32 17.91 17.48
N ALA A 99 16.05 18.98 17.14
CA ALA A 99 15.49 20.32 17.05
C ALA A 99 14.01 20.23 16.69
N GLU A 100 13.71 19.55 15.57
CA GLU A 100 12.39 19.46 14.98
C GLU A 100 11.93 18.00 14.89
N ALA A 101 11.22 17.54 15.92
CA ALA A 101 10.84 16.14 15.99
C ALA A 101 9.69 15.83 15.03
N ARG A 102 9.67 14.58 14.56
CA ARG A 102 8.71 14.16 13.56
C ARG A 102 8.38 12.69 13.80
N ILE A 103 7.13 12.30 13.49
CA ILE A 103 6.85 10.88 13.24
C ILE A 103 6.46 10.71 11.80
N ASN A 104 7.29 10.04 11.03
CA ASN A 104 7.03 9.76 9.63
C ASN A 104 6.36 8.38 9.48
N THR A 105 5.17 8.35 8.88
CA THR A 105 4.39 7.12 8.79
C THR A 105 3.93 6.84 7.37
N GLN A 106 3.63 5.56 7.16
CA GLN A 106 2.76 5.08 6.08
C GLN A 106 1.62 4.32 6.75
N TRP A 107 0.41 4.36 6.13
CA TRP A 107 -0.76 3.74 6.76
C TRP A 107 -1.53 2.88 5.78
N LEU A 108 -2.31 1.96 6.40
CA LEU A 108 -3.24 1.08 5.69
C LEU A 108 -4.62 1.22 6.31
N LEU A 109 -5.63 1.58 5.55
CA LEU A 109 -7.00 1.70 6.05
C LEU A 109 -7.83 0.60 5.36
N THR A 110 -8.30 -0.34 6.15
CA THR A 110 -9.14 -1.41 5.63
C THR A 110 -10.58 -1.24 6.10
N ALA A 111 -11.52 -1.27 5.12
CA ALA A 111 -12.95 -1.29 5.40
C ALA A 111 -13.46 -2.72 5.34
N GLY A 112 -14.45 -3.03 6.17
CA GLY A 112 -15.15 -4.31 6.01
C GLY A 112 -15.90 -4.33 4.67
N THR A 113 -15.72 -5.41 3.91
CA THR A 113 -16.32 -5.54 2.59
C THR A 113 -16.92 -6.93 2.46
N THR A 114 -17.79 -7.08 1.43
CA THR A 114 -18.13 -8.43 1.00
C THR A 114 -16.88 -9.09 0.41
N GLU A 115 -16.96 -10.41 0.25
CA GLU A 115 -15.88 -11.18 -0.35
C GLU A 115 -15.63 -10.69 -1.78
N ALA A 116 -16.70 -10.37 -2.51
CA ALA A 116 -16.62 -10.01 -3.92
C ALA A 116 -15.89 -8.66 -4.08
N ASN A 117 -15.92 -7.83 -3.03
CA ASN A 117 -15.38 -6.48 -3.10
C ASN A 117 -14.06 -6.36 -2.32
N ALA A 118 -13.51 -7.46 -1.84
CA ALA A 118 -12.36 -7.41 -0.93
C ALA A 118 -11.14 -6.87 -1.64
N TRP A 119 -11.04 -7.05 -2.95
CA TRP A 119 -9.94 -6.47 -3.69
C TRP A 119 -9.81 -4.97 -3.51
N ALA A 120 -10.91 -4.29 -3.20
CA ALA A 120 -10.95 -2.84 -3.08
C ALA A 120 -11.20 -2.45 -1.62
N SER A 121 -10.76 -3.26 -0.66
CA SER A 121 -10.97 -3.01 0.77
C SER A 121 -10.00 -1.98 1.38
N THR A 122 -8.79 -1.80 0.80
CA THR A 122 -7.73 -1.18 1.59
C THR A 122 -7.11 0.01 0.88
N LEU A 123 -7.13 1.17 1.53
CA LEU A 123 -6.43 2.38 1.09
C LEU A 123 -5.03 2.39 1.72
N VAL A 124 -4.09 3.00 0.99
CA VAL A 124 -2.76 3.25 1.51
C VAL A 124 -2.40 4.72 1.34
N GLY A 125 -1.68 5.22 2.33
CA GLY A 125 -1.21 6.59 2.28
C GLY A 125 -0.08 6.83 3.26
N HIS A 126 0.24 8.12 3.47
CA HIS A 126 1.36 8.49 4.30
C HIS A 126 1.04 9.78 5.02
N ASP A 127 1.35 9.80 6.32
CA ASP A 127 1.13 10.95 7.17
C ASP A 127 2.46 11.30 7.84
N THR A 128 2.76 12.60 7.89
CA THR A 128 3.86 13.08 8.69
C THR A 128 3.34 13.91 9.85
N PHE A 129 3.71 13.51 11.05
CA PHE A 129 3.30 14.18 12.28
C PHE A 129 4.39 15.07 12.84
N THR A 130 4.03 16.25 13.28
CA THR A 130 4.94 17.18 13.98
C THR A 130 4.25 17.62 15.25
N LYS A 131 5.04 18.22 16.15
CA LYS A 131 4.48 18.74 17.39
C LYS A 131 3.85 20.14 17.22
N VAL A 132 4.16 20.88 16.16
CA VAL A 132 3.54 22.17 15.86
C VAL A 132 3.17 22.17 14.37
N MET B 9 16.82 -13.41 -25.65
CA MET B 9 18.08 -12.84 -25.10
C MET B 9 17.85 -12.50 -23.62
N GLY B 10 16.70 -11.90 -23.32
CA GLY B 10 16.27 -11.78 -21.92
C GLY B 10 16.15 -13.17 -21.32
N ARG B 11 16.68 -13.37 -20.11
CA ARG B 11 16.81 -14.73 -19.57
C ARG B 11 15.44 -15.41 -19.46
N ASP B 12 14.45 -14.68 -18.96
CA ASP B 12 13.11 -15.20 -18.79
C ASP B 12 12.14 -14.63 -19.83
N GLN B 13 12.63 -14.19 -20.99
CA GLN B 13 11.76 -13.65 -22.02
C GLN B 13 10.69 -14.68 -22.39
N ALA B 14 11.08 -15.95 -22.60
CA ALA B 14 10.11 -16.95 -22.98
C ALA B 14 9.20 -17.35 -21.82
N GLY B 15 9.71 -17.32 -20.56
CA GLY B 15 8.91 -17.67 -19.39
C GLY B 15 7.79 -16.67 -19.12
N ILE B 16 8.12 -15.39 -19.25
CA ILE B 16 7.17 -14.32 -18.93
C ILE B 16 6.15 -14.16 -20.04
N THR B 17 6.64 -14.18 -21.30
CA THR B 17 5.73 -13.93 -22.40
C THR B 17 4.56 -14.92 -22.41
N GLY B 18 3.36 -14.40 -22.63
CA GLY B 18 2.17 -15.22 -22.67
C GLY B 18 1.00 -14.66 -21.86
N THR B 19 0.06 -15.58 -21.58
CA THR B 19 -1.20 -15.25 -20.97
C THR B 19 -1.15 -15.71 -19.52
N TRP B 20 -1.56 -14.81 -18.60
CA TRP B 20 -1.57 -15.08 -17.18
C TRP B 20 -2.94 -14.77 -16.62
N TYR B 21 -3.32 -15.44 -15.53
CA TYR B 21 -4.61 -15.20 -14.90
C TYR B 21 -4.41 -15.03 -13.39
N ASN B 22 -5.18 -14.12 -12.77
CA ASN B 22 -5.06 -13.96 -11.35
C ASN B 22 -6.25 -14.55 -10.62
N GLN B 23 -6.23 -14.40 -9.29
CA GLN B 23 -7.18 -15.06 -8.41
C GLN B 23 -8.58 -14.46 -8.55
N LEU B 24 -8.68 -13.29 -9.21
CA LEU B 24 -9.95 -12.64 -9.45
C LEU B 24 -10.57 -13.10 -10.76
N GLY B 25 -9.79 -13.80 -11.57
CA GLY B 25 -10.18 -14.15 -12.92
C GLY B 25 -9.81 -13.13 -14.00
N SER B 26 -9.01 -12.15 -13.65
CA SER B 26 -8.47 -11.24 -14.64
C SER B 26 -7.45 -11.93 -15.53
N THR B 27 -7.25 -11.39 -16.76
CA THR B 27 -6.38 -11.94 -17.78
C THR B 27 -5.36 -10.89 -18.20
N PHE B 28 -4.08 -11.26 -18.13
CA PHE B 28 -2.91 -10.45 -18.41
C PHE B 28 -2.14 -11.10 -19.58
N ILE B 29 -2.05 -10.45 -20.75
CA ILE B 29 -1.36 -10.97 -21.90
C ILE B 29 -0.18 -10.06 -22.21
N VAL B 30 1.04 -10.59 -22.17
CA VAL B 30 2.25 -9.79 -22.17
C VAL B 30 3.33 -10.38 -23.07
N THR B 31 4.05 -9.52 -23.77
CA THR B 31 5.23 -9.89 -24.52
C THR B 31 6.42 -9.27 -23.81
N ALA B 32 7.42 -10.08 -23.48
CA ALA B 32 8.66 -9.58 -22.91
C ALA B 32 9.70 -9.41 -24.02
N GLY B 33 10.34 -8.25 -24.09
CA GLY B 33 11.38 -7.98 -25.07
C GLY B 33 12.78 -8.27 -24.54
N ALA B 34 13.78 -8.44 -25.46
CA ALA B 34 15.13 -8.77 -25.03
C ALA B 34 15.79 -7.68 -24.18
N ASP B 35 15.26 -6.47 -24.35
CA ASP B 35 15.79 -5.25 -23.79
C ASP B 35 15.16 -4.91 -22.43
N GLY B 36 14.27 -5.74 -21.90
CA GLY B 36 13.61 -5.43 -20.64
C GLY B 36 12.18 -4.88 -20.76
N ALA B 37 11.66 -4.75 -21.97
CA ALA B 37 10.32 -4.19 -22.14
C ALA B 37 9.24 -5.24 -21.84
N LEU B 38 8.08 -4.77 -21.33
CA LEU B 38 6.87 -5.52 -21.26
C LEU B 38 5.78 -4.72 -21.97
N THR B 39 5.04 -5.39 -22.87
CA THR B 39 3.96 -4.76 -23.58
C THR B 39 2.81 -5.75 -23.65
N GLY B 40 1.57 -5.26 -23.63
CA GLY B 40 0.46 -6.20 -23.72
C GLY B 40 -0.90 -5.56 -23.40
N THR B 41 -1.83 -6.39 -22.93
CA THR B 41 -3.18 -5.97 -22.59
C THR B 41 -3.58 -6.61 -21.28
N TYR B 42 -4.48 -5.92 -20.58
CA TYR B 42 -5.05 -6.42 -19.35
C TYR B 42 -6.56 -6.34 -19.47
N GLU B 43 -7.24 -7.35 -18.91
CA GLU B 43 -8.69 -7.39 -18.84
C GLU B 43 -9.06 -7.77 -17.40
N SER B 44 -9.70 -6.84 -16.72
CA SER B 44 -10.02 -7.03 -15.33
C SER B 44 -11.36 -7.74 -15.20
N ALA B 45 -11.47 -8.68 -14.29
CA ALA B 45 -12.77 -9.31 -13.98
C ALA B 45 -13.63 -8.50 -13.00
N VAL B 46 -13.06 -7.42 -12.44
CA VAL B 46 -13.70 -6.63 -11.40
C VAL B 46 -13.49 -5.15 -11.66
N GLY B 47 -14.35 -4.35 -11.01
CA GLY B 47 -14.18 -2.92 -11.05
C GLY B 47 -14.81 -2.24 -12.27
N ASN B 48 -14.44 -0.97 -12.43
CA ASN B 48 -15.04 -0.16 -13.51
C ASN B 48 -14.17 -0.37 -14.74
N ALA B 49 -14.38 -1.51 -15.38
CA ALA B 49 -13.52 -1.99 -16.44
C ALA B 49 -14.28 -2.90 -17.37
N GLU B 50 -14.03 -2.76 -18.66
CA GLU B 50 -14.59 -3.69 -19.62
C GLU B 50 -13.68 -3.79 -20.84
N SER B 51 -13.54 -5.02 -21.33
CA SER B 51 -12.61 -5.32 -22.42
C SER B 51 -11.15 -5.12 -22.02
N ARG B 52 -10.28 -4.93 -23.01
CA ARG B 52 -8.85 -4.92 -22.80
C ARG B 52 -8.35 -3.48 -22.72
N TYR B 53 -7.30 -3.32 -21.89
CA TYR B 53 -6.61 -2.05 -21.72
C TYR B 53 -5.13 -2.25 -22.04
N VAL B 54 -4.47 -1.21 -22.55
CA VAL B 54 -3.05 -1.27 -22.83
C VAL B 54 -2.27 -1.38 -21.53
N LEU B 55 -1.21 -2.19 -21.54
CA LEU B 55 -0.24 -2.13 -20.47
C LEU B 55 1.15 -2.02 -21.01
N THR B 56 2.01 -1.38 -20.21
CA THR B 56 3.43 -1.33 -20.50
C THR B 56 4.21 -1.49 -19.21
N GLY B 57 5.41 -2.07 -19.26
CA GLY B 57 6.22 -2.19 -18.07
C GLY B 57 7.62 -2.63 -18.40
N ARG B 58 8.32 -3.08 -17.36
CA ARG B 58 9.74 -3.41 -17.46
C ARG B 58 10.01 -4.66 -16.63
N TYR B 59 11.06 -5.43 -16.99
CA TYR B 59 11.51 -6.56 -16.19
C TYR B 59 13.04 -6.58 -16.25
N ASP B 60 13.66 -7.23 -15.26
CA ASP B 60 15.09 -7.51 -15.19
C ASP B 60 15.40 -8.59 -16.22
N SER B 61 16.09 -8.19 -17.30
CA SER B 61 16.37 -9.10 -18.39
C SER B 61 17.64 -9.93 -18.15
N ALA B 62 18.38 -9.63 -17.07
CA ALA B 62 19.59 -10.40 -16.73
C ALA B 62 19.57 -10.72 -15.23
N PRO B 63 18.63 -11.54 -14.73
CA PRO B 63 18.49 -11.74 -13.29
C PRO B 63 19.63 -12.57 -12.69
N ALA B 64 19.64 -12.60 -11.37
CA ALA B 64 20.58 -13.47 -10.65
C ALA B 64 20.26 -14.92 -11.01
N THR B 65 21.29 -15.78 -10.88
CA THR B 65 21.13 -17.22 -11.09
C THR B 65 21.41 -17.92 -9.76
N ASP B 66 20.53 -17.73 -8.80
CA ASP B 66 20.79 -18.18 -7.43
C ASP B 66 19.52 -18.65 -6.73
N GLY B 67 18.45 -18.88 -7.48
CA GLY B 67 17.16 -19.25 -6.90
C GLY B 67 16.19 -18.06 -6.78
N SER B 68 16.72 -16.84 -6.99
CA SER B 68 15.93 -15.62 -6.84
C SER B 68 14.99 -15.46 -8.01
N GLY B 69 13.84 -14.82 -7.72
CA GLY B 69 12.94 -14.46 -8.78
C GLY B 69 13.44 -13.29 -9.63
N THR B 70 12.65 -12.96 -10.63
CA THR B 70 12.94 -11.97 -11.64
C THR B 70 12.02 -10.76 -11.42
N ALA B 71 12.61 -9.61 -11.02
CA ALA B 71 11.80 -8.44 -10.66
C ALA B 71 11.18 -7.87 -11.93
N LEU B 72 9.95 -7.36 -11.78
CA LEU B 72 9.23 -6.72 -12.89
C LEU B 72 8.14 -5.77 -12.36
N GLY B 73 7.60 -4.95 -13.27
CA GLY B 73 6.39 -4.22 -12.95
C GLY B 73 5.70 -3.78 -14.21
N TRP B 74 4.43 -3.37 -14.09
CA TRP B 74 3.74 -2.79 -15.23
C TRP B 74 2.65 -1.87 -14.72
N THR B 75 2.13 -1.07 -15.67
CA THR B 75 1.05 -0.12 -15.44
C THR B 75 -0.08 -0.32 -16.45
N VAL B 76 -1.30 -0.14 -15.97
CA VAL B 76 -2.51 0.00 -16.78
C VAL B 76 -3.20 1.31 -16.37
N ALA B 77 -3.44 2.23 -17.33
CA ALA B 77 -4.39 3.30 -17.12
C ALA B 77 -5.77 2.83 -17.63
N TRP B 78 -6.80 3.01 -16.82
CA TRP B 78 -8.12 2.41 -17.02
C TRP B 78 -9.01 3.22 -17.96
N LYS B 79 -8.43 3.59 -19.11
CA LYS B 79 -9.12 4.24 -20.22
C LYS B 79 -8.89 3.39 -21.48
N ASN B 80 -9.95 3.07 -22.20
CA ASN B 80 -9.84 2.40 -23.49
C ASN B 80 -10.93 3.05 -24.35
N ASN B 81 -11.31 2.34 -25.43
CA ASN B 81 -12.33 2.88 -26.34
C ASN B 81 -13.76 2.71 -25.82
N TYR B 82 -13.97 1.95 -24.73
CA TYR B 82 -15.29 1.70 -24.17
C TYR B 82 -15.57 2.61 -22.98
N ARG B 83 -14.57 2.89 -22.14
CA ARG B 83 -14.82 3.41 -20.82
C ARG B 83 -13.58 4.08 -20.25
N ASN B 84 -13.77 4.96 -19.28
CA ASN B 84 -12.68 5.62 -18.57
C ASN B 84 -13.01 5.64 -17.08
N ALA B 85 -12.14 5.00 -16.26
CA ALA B 85 -12.35 4.98 -14.83
C ALA B 85 -11.41 5.95 -14.11
N HIS B 86 -10.76 6.86 -14.86
CA HIS B 86 -9.96 7.93 -14.26
C HIS B 86 -9.04 7.41 -13.15
N SER B 87 -8.25 6.38 -13.48
CA SER B 87 -7.46 5.68 -12.50
C SER B 87 -6.40 4.88 -13.21
N ALA B 88 -5.34 4.49 -12.48
CA ALA B 88 -4.24 3.69 -13.01
C ALA B 88 -3.79 2.73 -11.91
N THR B 89 -3.50 1.49 -12.32
CA THR B 89 -2.88 0.52 -11.43
C THR B 89 -1.45 0.22 -11.87
N THR B 90 -0.54 0.09 -10.88
CA THR B 90 0.80 -0.45 -11.09
C THR B 90 0.94 -1.72 -10.24
N TRP B 91 1.46 -2.75 -10.91
CA TRP B 91 1.86 -4.00 -10.30
C TRP B 91 3.37 -4.13 -10.20
N SER B 92 3.81 -4.40 -8.99
CA SER B 92 5.23 -4.58 -8.72
C SER B 92 5.40 -5.98 -8.14
N GLY B 93 6.35 -6.75 -8.69
CA GLY B 93 6.42 -8.12 -8.23
C GLY B 93 7.67 -8.85 -8.73
N GLN B 94 7.56 -10.16 -8.68
CA GLN B 94 8.61 -10.98 -9.29
C GLN B 94 7.99 -12.21 -9.95
N TYR B 95 8.66 -12.67 -11.03
CA TYR B 95 8.35 -13.90 -11.74
C TYR B 95 9.19 -15.01 -11.13
N VAL B 96 8.51 -16.14 -10.87
N VAL B 96 8.49 -16.13 -10.86
CA VAL B 96 9.17 -17.31 -10.32
CA VAL B 96 9.11 -17.34 -10.31
C VAL B 96 8.87 -18.48 -11.26
C VAL B 96 8.85 -18.46 -11.32
N GLY B 97 9.94 -19.03 -11.86
CA GLY B 97 9.82 -20.02 -12.93
C GLY B 97 9.52 -21.42 -12.39
N GLY B 98 9.45 -22.38 -13.30
CA GLY B 98 9.48 -23.78 -12.92
C GLY B 98 8.12 -24.45 -13.12
N ALA B 99 8.01 -25.68 -12.59
CA ALA B 99 6.84 -26.50 -12.78
C ALA B 99 5.60 -25.61 -12.81
N GLU B 100 5.45 -24.84 -11.72
CA GLU B 100 4.24 -24.09 -11.39
C GLU B 100 4.59 -22.60 -11.36
N ALA B 101 4.89 -22.06 -12.55
CA ALA B 101 5.33 -20.68 -12.66
C ALA B 101 4.29 -19.69 -12.13
N ARG B 102 4.81 -18.57 -11.62
CA ARG B 102 3.95 -17.63 -10.94
C ARG B 102 4.51 -16.23 -11.12
N ILE B 103 3.60 -15.23 -11.18
CA ILE B 103 4.08 -13.86 -10.97
C ILE B 103 3.38 -13.37 -9.72
N ASN B 104 4.15 -13.12 -8.66
CA ASN B 104 3.60 -12.67 -7.38
C ASN B 104 3.77 -11.14 -7.27
N THR B 105 2.66 -10.43 -7.14
CA THR B 105 2.63 -8.98 -7.19
C THR B 105 1.90 -8.34 -6.00
N GLN B 106 2.28 -7.09 -5.73
CA GLN B 106 1.48 -6.15 -4.97
C GLN B 106 1.21 -4.98 -5.89
N TRP B 107 0.04 -4.32 -5.72
CA TRP B 107 -0.34 -3.27 -6.64
C TRP B 107 -0.85 -2.03 -5.89
N LEU B 108 -0.79 -0.91 -6.62
CA LEU B 108 -1.29 0.38 -6.16
C LEU B 108 -2.23 0.91 -7.26
N LEU B 109 -3.46 1.24 -6.89
CA LEU B 109 -4.44 1.78 -7.82
C LEU B 109 -4.80 3.19 -7.36
N THR B 110 -4.37 4.19 -8.14
CA THR B 110 -4.61 5.59 -7.79
C THR B 110 -5.70 6.13 -8.71
N ALA B 111 -6.75 6.73 -8.12
CA ALA B 111 -7.76 7.45 -8.87
C ALA B 111 -7.41 8.92 -8.86
N GLY B 112 -7.81 9.63 -9.92
CA GLY B 112 -7.74 11.08 -9.83
C GLY B 112 -8.78 11.63 -8.84
N THR B 113 -8.31 12.47 -7.94
CA THR B 113 -9.14 13.07 -6.89
C THR B 113 -8.88 14.57 -6.82
N THR B 114 -9.80 15.29 -6.12
CA THR B 114 -9.48 16.63 -5.70
C THR B 114 -8.34 16.61 -4.67
N GLU B 115 -7.70 17.76 -4.47
CA GLU B 115 -6.72 17.95 -3.42
C GLU B 115 -7.25 17.48 -2.07
N ALA B 116 -8.50 17.85 -1.77
CA ALA B 116 -9.08 17.65 -0.45
C ALA B 116 -9.22 16.15 -0.19
N ASN B 117 -9.43 15.35 -1.24
CA ASN B 117 -9.74 13.93 -1.10
C ASN B 117 -8.51 13.07 -1.42
N ALA B 118 -7.35 13.67 -1.65
CA ALA B 118 -6.18 12.91 -2.12
C ALA B 118 -5.68 11.92 -1.10
N TRP B 119 -5.95 12.13 0.19
CA TRP B 119 -5.60 11.14 1.18
C TRP B 119 -6.25 9.78 0.89
N ALA B 120 -7.39 9.77 0.20
CA ALA B 120 -8.20 8.59 -0.09
C ALA B 120 -8.08 8.19 -1.57
N SER B 121 -6.97 8.56 -2.25
CA SER B 121 -6.85 8.33 -3.69
C SER B 121 -6.42 6.90 -4.07
N THR B 122 -5.76 6.14 -3.14
CA THR B 122 -4.94 5.00 -3.58
C THR B 122 -5.32 3.74 -2.83
N LEU B 123 -5.77 2.72 -3.57
CA LEU B 123 -5.99 1.37 -3.06
C LEU B 123 -4.68 0.59 -3.18
N VAL B 124 -4.52 -0.39 -2.28
CA VAL B 124 -3.39 -1.32 -2.35
C VAL B 124 -3.96 -2.72 -2.25
N GLY B 125 -3.27 -3.66 -2.94
CA GLY B 125 -3.67 -5.03 -2.88
C GLY B 125 -2.55 -5.92 -3.41
N HIS B 126 -2.94 -7.18 -3.63
CA HIS B 126 -1.97 -8.18 -4.07
C HIS B 126 -2.67 -9.15 -5.00
N ASP B 127 -2.00 -9.44 -6.11
CA ASP B 127 -2.46 -10.40 -7.12
C ASP B 127 -1.37 -11.45 -7.31
N THR B 128 -1.80 -12.71 -7.43
CA THR B 128 -0.91 -13.78 -7.83
C THR B 128 -1.39 -14.27 -9.20
N PHE B 129 -0.50 -14.24 -10.18
CA PHE B 129 -0.78 -14.72 -11.52
C PHE B 129 -0.16 -16.10 -11.73
N THR B 130 -0.91 -16.98 -12.37
CA THR B 130 -0.43 -18.28 -12.82
C THR B 130 -0.79 -18.45 -14.29
N LYS B 131 -0.15 -19.46 -14.92
CA LYS B 131 -0.45 -19.78 -16.31
C LYS B 131 -1.73 -20.64 -16.44
N VAL B 132 -2.14 -21.42 -15.43
CA VAL B 132 -3.35 -22.23 -15.46
C VAL B 132 -4.09 -22.05 -14.11
#